data_7G8F
#
_entry.id   7G8F
#
_cell.length_a   71.402
_cell.length_b   71.402
_cell.length_c   196.945
_cell.angle_alpha   90.000
_cell.angle_beta   90.000
_cell.angle_gamma   90.000
#
_symmetry.space_group_name_H-M   'P 43 21 2'
#
loop_
_entity.id
_entity.type
_entity.pdbx_description
1 polymer 'Transforming protein RhoA'
2 polymer 'Rho guanine nucleotide exchange factor 2'
3 non-polymer [1-(2,2,2-trifluoroethyl)-1H-imidazol-2-yl]acetonitrile
4 non-polymer 'DIMETHYL SULFOXIDE'
5 non-polymer 'FORMIC ACID'
6 water water
#
loop_
_entity_poly.entity_id
_entity_poly.type
_entity_poly.pdbx_seq_one_letter_code
_entity_poly.pdbx_strand_id
1 'polypeptide(L)'
;SMAAIRKKLVIVGDGACGKTCLLIVFSKDQFPEVYVPTVFENYVADIEVDGKQVELALWDTAGQEDYDRLRPLSYPDTDV
ILMCFSIDSPDSLENIPEKWTPEVKHFCPNVPIILVGNKKDLRNDEHTRRELAKMKQEPVKPEEGRDMANRIGAFGYMEC
SAKTKDGVREVFEMATRAALQARRG
;
A
2 'polypeptide(L)'
;SMEMDEKDFAADSWSLAVDSSFLQQHKKEVMKQQDVIYELIQTELHHVRTLKIMTRLFRTGMLEELHLEPGVVQGLFPCV
DELSDIHTRFLSQLLERRRQALCPGSTRNFVIHRLGDLLISQFSGPSAEQMCKTYSEFCSRHSKALKLYKELYARDKRFQ
QFIRKVTRPAVLKRHGVQECILLVTQRITKYPLLISRILQHSHGIEEERQDLTTALGLVKELLSNVDEGIYQLEKGARLQ
EIYNR
;
B
#
loop_
_chem_comp.id
_chem_comp.type
_chem_comp.name
_chem_comp.formula
DMS non-polymer 'DIMETHYL SULFOXIDE' 'C2 H6 O S'
FMT non-polymer 'FORMIC ACID' 'C H2 O2'
YXK non-polymer [1-(2,2,2-trifluoroethyl)-1H-imidazol-2-yl]acetonitrile 'C7 H6 F3 N3'
#
# COMPACT_ATOMS: atom_id res chain seq x y z
N ALA A 4 21.15 4.99 13.34
CA ALA A 4 20.38 4.28 12.32
C ALA A 4 19.88 5.20 11.23
N ILE A 5 20.51 5.13 10.07
CA ILE A 5 20.13 5.92 8.91
C ILE A 5 18.87 5.28 8.29
N ARG A 6 18.07 6.09 7.62
CA ARG A 6 16.84 5.62 6.99
C ARG A 6 17.06 5.38 5.49
N LYS A 7 16.57 4.23 4.97
CA LYS A 7 16.67 3.88 3.56
C LYS A 7 15.31 3.40 3.08
N LYS A 8 15.01 3.51 1.79
CA LYS A 8 13.70 3.13 1.25
C LYS A 8 13.85 2.01 0.23
N LEU A 9 13.02 0.98 0.39
CA LEU A 9 12.99 -0.16 -0.50
C LEU A 9 11.61 -0.22 -1.18
N VAL A 10 11.59 -0.50 -2.49
CA VAL A 10 10.34 -0.70 -3.22
C VAL A 10 10.42 -2.04 -3.96
N ILE A 11 9.33 -2.87 -3.92
CA ILE A 11 9.34 -4.11 -4.63
CA ILE A 11 9.30 -4.13 -4.64
C ILE A 11 8.42 -3.98 -5.86
N VAL A 12 8.93 -4.45 -6.99
CA VAL A 12 8.19 -4.38 -8.24
CA VAL A 12 8.34 -4.33 -8.31
C VAL A 12 8.16 -5.75 -8.88
N GLY A 13 7.18 -5.97 -9.76
CA GLY A 13 7.01 -7.26 -10.40
C GLY A 13 5.55 -7.51 -10.73
N ASP A 14 5.28 -8.57 -11.49
CA ASP A 14 3.88 -8.89 -11.81
C ASP A 14 3.10 -9.28 -10.55
N GLY A 15 1.77 -9.20 -10.61
CA GLY A 15 0.94 -9.62 -9.47
C GLY A 15 1.24 -11.04 -8.99
N ALA A 16 1.46 -11.95 -9.93
CA ALA A 16 1.75 -13.36 -9.62
C ALA A 16 3.11 -13.64 -8.99
N CYS A 17 3.98 -12.61 -8.89
CA CYS A 17 5.34 -12.81 -8.39
C CYS A 17 5.41 -13.07 -6.88
N GLY A 18 4.36 -12.76 -6.12
CA GLY A 18 4.35 -12.98 -4.68
C GLY A 18 4.98 -11.87 -3.87
N LYS A 19 5.12 -10.64 -4.46
CA LYS A 19 5.74 -9.55 -3.73
CA LYS A 19 5.74 -9.54 -3.73
C LYS A 19 5.05 -9.19 -2.43
N THR A 20 3.69 -9.17 -2.42
CA THR A 20 2.98 -8.79 -1.18
C THR A 20 3.27 -9.79 -0.07
N CYS A 21 3.21 -11.08 -0.38
CA CYS A 21 3.48 -12.12 0.61
CA CYS A 21 3.47 -12.11 0.62
C CYS A 21 4.90 -12.02 1.14
N LEU A 22 5.86 -11.73 0.25
CA LEU A 22 7.26 -11.60 0.69
C LEU A 22 7.43 -10.49 1.74
N LEU A 23 6.80 -9.28 1.49
CA LEU A 23 6.93 -8.20 2.48
C LEU A 23 6.23 -8.59 3.79
N ILE A 24 5.08 -9.29 3.70
CA ILE A 24 4.36 -9.67 4.91
C ILE A 24 5.18 -10.64 5.77
N VAL A 25 5.75 -11.64 5.12
CA VAL A 25 6.51 -12.66 5.86
C VAL A 25 7.75 -12.07 6.49
N PHE A 26 8.45 -11.18 5.75
CA PHE A 26 9.65 -10.57 6.33
C PHE A 26 9.27 -9.69 7.54
N SER A 27 8.19 -8.87 7.38
CA SER A 27 7.85 -7.91 8.41
C SER A 27 7.31 -8.53 9.69
N LYS A 28 6.75 -9.73 9.60
CA LYS A 28 6.28 -10.43 10.81
C LYS A 28 7.29 -11.49 11.30
N ASP A 29 8.32 -11.85 10.47
CA ASP A 29 9.24 -12.97 10.69
C ASP A 29 8.39 -14.26 10.89
N GLN A 30 7.33 -14.41 10.06
CA GLN A 30 6.40 -15.53 10.20
C GLN A 30 5.47 -15.57 8.99
N PHE A 31 5.16 -16.77 8.49
CA PHE A 31 4.14 -16.91 7.45
C PHE A 31 2.83 -16.97 8.28
N PRO A 32 1.87 -16.09 7.99
CA PRO A 32 0.62 -16.07 8.78
C PRO A 32 -0.07 -17.42 8.91
N GLU A 33 -0.35 -17.83 10.14
CA GLU A 33 -0.95 -19.13 10.43
C GLU A 33 -2.48 -19.11 10.43
N VAL A 34 -3.10 -17.96 10.63
CA VAL A 34 -4.57 -17.87 10.70
C VAL A 34 -5.13 -17.13 9.47
N TYR A 35 -4.52 -16.01 9.13
CA TYR A 35 -5.02 -15.21 8.02
C TYR A 35 -3.87 -14.57 7.30
N VAL A 36 -3.81 -14.75 5.96
CA VAL A 36 -2.79 -14.10 5.14
C VAL A 36 -3.40 -12.81 4.59
N PRO A 37 -2.87 -11.66 4.98
CA PRO A 37 -3.43 -10.39 4.51
C PRO A 37 -3.47 -10.24 3.01
N THR A 38 -4.52 -9.57 2.50
CA THR A 38 -4.64 -9.27 1.08
C THR A 38 -3.68 -8.14 0.67
N VAL A 39 -3.52 -7.14 1.57
CA VAL A 39 -2.69 -5.99 1.22
C VAL A 39 -1.60 -5.71 2.29
N PHE A 40 -0.62 -4.91 1.88
CA PHE A 40 0.47 -4.48 2.75
C PHE A 40 0.48 -2.93 2.71
N GLU A 41 0.47 -2.26 3.89
CA GLU A 41 0.41 -0.79 3.93
C GLU A 41 1.87 -0.24 3.78
N ASN A 42 2.63 -0.28 4.86
CA ASN A 42 4.08 -0.02 4.82
C ASN A 42 4.67 -0.61 6.10
N TYR A 43 5.99 -0.51 6.25
CA TYR A 43 6.64 -1.02 7.46
C TYR A 43 8.01 -0.41 7.49
N VAL A 44 8.57 -0.22 8.68
CA VAL A 44 9.96 0.25 8.79
C VAL A 44 10.70 -0.80 9.60
N ALA A 45 11.56 -1.58 8.94
CA ALA A 45 12.29 -2.66 9.61
C ALA A 45 13.57 -2.16 10.24
N ASP A 46 13.92 -2.64 11.44
CA ASP A 46 15.22 -2.31 12.05
C ASP A 46 16.14 -3.45 11.65
N ILE A 47 17.16 -3.16 10.85
CA ILE A 47 18.07 -4.17 10.33
CA ILE A 47 18.07 -4.19 10.40
C ILE A 47 19.48 -3.78 10.68
N GLU A 48 20.28 -4.73 11.12
CA GLU A 48 21.70 -4.47 11.35
CA GLU A 48 21.70 -4.49 11.37
C GLU A 48 22.45 -5.41 10.42
N VAL A 49 23.21 -4.84 9.48
CA VAL A 49 23.91 -5.68 8.51
C VAL A 49 25.37 -5.30 8.47
N ASP A 50 26.25 -6.27 8.68
CA ASP A 50 27.68 -6.01 8.68
C ASP A 50 28.08 -4.88 9.67
N GLY A 51 27.40 -4.86 10.82
CA GLY A 51 27.68 -3.90 11.87
C GLY A 51 27.04 -2.52 11.72
N LYS A 52 26.25 -2.32 10.66
CA LYS A 52 25.61 -1.01 10.44
C LYS A 52 24.12 -1.08 10.67
N GLN A 53 23.59 -0.15 11.48
CA GLN A 53 22.16 -0.12 11.76
CA GLN A 53 22.16 -0.09 11.78
C GLN A 53 21.41 0.75 10.77
N VAL A 54 20.32 0.20 10.19
CA VAL A 54 19.52 0.93 9.23
C VAL A 54 18.03 0.77 9.59
N GLU A 55 17.24 1.81 9.33
CA GLU A 55 15.78 1.74 9.37
C GLU A 55 15.38 1.59 7.88
N LEU A 56 14.82 0.45 7.47
CA LEU A 56 14.53 0.21 6.07
C LEU A 56 13.03 0.27 5.85
N ALA A 57 12.57 1.35 5.20
CA ALA A 57 11.13 1.49 4.90
C ALA A 57 10.77 0.57 3.73
N LEU A 58 9.69 -0.21 3.88
CA LEU A 58 9.27 -1.17 2.84
C LEU A 58 7.96 -0.72 2.19
N TRP A 59 7.92 -0.80 0.84
CA TRP A 59 6.73 -0.46 0.08
C TRP A 59 6.42 -1.48 -1.02
N ASP A 60 5.12 -1.75 -1.23
CA ASP A 60 4.61 -2.66 -2.25
C ASP A 60 4.05 -1.82 -3.41
N THR A 61 4.09 -2.35 -4.63
CA THR A 61 3.45 -1.69 -5.79
C THR A 61 2.20 -2.48 -6.24
N ALA A 62 1.77 -3.52 -5.48
CA ALA A 62 0.60 -4.31 -5.86
C ALA A 62 -0.63 -3.42 -5.94
N GLY A 63 -1.41 -3.61 -7.00
CA GLY A 63 -2.59 -2.81 -7.26
C GLY A 63 -2.32 -1.64 -8.21
N GLN A 64 -1.02 -1.29 -8.41
CA GLN A 64 -0.68 -0.17 -9.31
C GLN A 64 -0.27 -0.61 -10.72
N GLU A 65 -0.23 -1.93 -11.00
CA GLU A 65 0.27 -2.41 -12.29
C GLU A 65 -0.47 -1.87 -13.53
N ASP A 66 -1.79 -1.59 -13.42
CA ASP A 66 -2.54 -1.11 -14.61
C ASP A 66 -2.60 0.43 -14.73
N TYR A 67 -1.98 1.17 -13.78
CA TYR A 67 -2.13 2.63 -13.70
C TYR A 67 -0.78 3.32 -13.83
N ASP A 68 -0.43 3.66 -15.09
CA ASP A 68 0.91 4.16 -15.42
C ASP A 68 1.26 5.56 -14.86
N ARG A 69 0.28 6.35 -14.44
CA ARG A 69 0.57 7.66 -13.82
C ARG A 69 0.51 7.59 -12.29
N LEU A 70 -0.22 6.61 -11.72
CA LEU A 70 -0.21 6.43 -10.27
C LEU A 70 1.04 5.68 -9.84
N ARG A 71 1.39 4.60 -10.57
CA ARG A 71 2.50 3.73 -10.16
C ARG A 71 3.83 4.44 -9.92
N PRO A 72 4.26 5.37 -10.80
CA PRO A 72 5.57 6.03 -10.56
C PRO A 72 5.63 6.86 -9.29
N LEU A 73 4.47 7.21 -8.70
CA LEU A 73 4.50 7.96 -7.42
C LEU A 73 5.11 7.14 -6.27
N SER A 74 5.24 5.82 -6.44
CA SER A 74 5.86 4.99 -5.42
C SER A 74 7.41 5.11 -5.47
N TYR A 75 7.99 5.60 -6.61
CA TYR A 75 9.45 5.55 -6.80
C TYR A 75 10.33 6.67 -6.17
N PRO A 76 9.87 7.92 -5.93
CA PRO A 76 10.82 8.94 -5.43
C PRO A 76 11.70 8.54 -4.26
N ASP A 77 12.99 8.88 -4.35
CA ASP A 77 13.91 8.64 -3.26
C ASP A 77 14.10 7.19 -2.89
N THR A 78 13.82 6.26 -3.82
CA THR A 78 14.07 4.83 -3.53
C THR A 78 15.59 4.59 -3.47
N ASP A 79 16.05 3.76 -2.51
CA ASP A 79 17.48 3.45 -2.35
C ASP A 79 17.84 2.04 -2.85
N VAL A 80 16.85 1.13 -2.91
CA VAL A 80 17.06 -0.21 -3.42
C VAL A 80 15.74 -0.73 -4.00
N ILE A 81 15.82 -1.40 -5.15
CA ILE A 81 14.66 -2.06 -5.76
C ILE A 81 14.77 -3.58 -5.66
N LEU A 82 13.69 -4.25 -5.19
CA LEU A 82 13.62 -5.68 -5.35
C LEU A 82 12.76 -5.92 -6.58
N MET A 83 13.30 -6.57 -7.61
CA MET A 83 12.54 -6.85 -8.82
CA MET A 83 12.62 -6.85 -8.88
C MET A 83 12.23 -8.33 -8.78
N CYS A 84 10.96 -8.62 -8.62
CA CYS A 84 10.46 -9.92 -8.29
CA CYS A 84 10.48 -9.97 -8.33
C CYS A 84 9.84 -10.69 -9.47
N PHE A 85 10.07 -12.01 -9.49
CA PHE A 85 9.38 -12.94 -10.40
C PHE A 85 9.11 -14.22 -9.61
N SER A 86 8.18 -15.08 -10.09
CA SER A 86 7.94 -16.33 -9.40
C SER A 86 8.59 -17.46 -10.20
N ILE A 87 9.31 -18.36 -9.51
CA ILE A 87 9.94 -19.52 -10.15
C ILE A 87 8.87 -20.48 -10.76
N ASP A 88 7.63 -20.44 -10.24
CA ASP A 88 6.54 -21.22 -10.85
C ASP A 88 5.92 -20.51 -12.08
N SER A 89 6.47 -19.36 -12.50
CA SER A 89 5.93 -18.62 -13.63
C SER A 89 6.99 -18.05 -14.57
N PRO A 90 7.39 -18.81 -15.60
CA PRO A 90 8.29 -18.24 -16.63
C PRO A 90 7.73 -16.96 -17.26
N ASP A 91 6.39 -16.80 -17.32
CA ASP A 91 5.78 -15.59 -17.86
C ASP A 91 6.15 -14.36 -17.02
N SER A 92 6.21 -14.51 -15.67
CA SER A 92 6.61 -13.39 -14.81
C SER A 92 8.08 -13.00 -15.07
N LEU A 93 8.92 -13.98 -15.43
CA LEU A 93 10.34 -13.72 -15.70
C LEU A 93 10.49 -13.00 -17.05
N GLU A 94 9.65 -13.36 -18.05
CA GLU A 94 9.70 -12.76 -19.38
C GLU A 94 9.36 -11.24 -19.36
N ASN A 95 8.52 -10.82 -18.42
CA ASN A 95 8.11 -9.43 -18.27
C ASN A 95 9.13 -8.53 -17.57
N ILE A 96 10.22 -9.12 -17.05
CA ILE A 96 11.24 -8.34 -16.37
C ILE A 96 12.04 -7.43 -17.32
N PRO A 97 12.65 -7.93 -18.43
CA PRO A 97 13.59 -7.07 -19.18
C PRO A 97 13.01 -5.96 -20.02
N GLU A 98 11.83 -6.13 -20.53
CA GLU A 98 11.19 -5.22 -21.45
C GLU A 98 10.14 -4.30 -20.82
N LYS A 99 9.55 -4.69 -19.67
CA LYS A 99 8.54 -3.84 -19.03
C LYS A 99 9.07 -3.22 -17.74
N TRP A 100 9.35 -4.05 -16.72
CA TRP A 100 9.77 -3.53 -15.43
C TRP A 100 11.14 -2.89 -15.42
N THR A 101 12.14 -3.48 -16.12
CA THR A 101 13.49 -2.92 -16.06
C THR A 101 13.59 -1.50 -16.66
N PRO A 102 13.09 -1.21 -17.88
CA PRO A 102 13.21 0.15 -18.40
C PRO A 102 12.44 1.16 -17.54
N GLU A 103 11.35 0.73 -16.85
CA GLU A 103 10.60 1.66 -16.02
C GLU A 103 11.44 2.03 -14.79
N VAL A 104 12.01 1.00 -14.12
CA VAL A 104 12.79 1.27 -12.91
C VAL A 104 14.05 2.05 -13.27
N LYS A 105 14.67 1.77 -14.46
CA LYS A 105 15.86 2.54 -14.81
C LYS A 105 15.56 4.02 -15.09
N HIS A 106 14.37 4.30 -15.58
CA HIS A 106 13.98 5.68 -15.87
C HIS A 106 13.67 6.47 -14.58
N PHE A 107 12.83 5.88 -13.69
CA PHE A 107 12.41 6.61 -12.49
C PHE A 107 13.39 6.51 -11.31
N CYS A 108 14.26 5.49 -11.31
CA CYS A 108 15.25 5.22 -10.24
C CYS A 108 16.65 5.06 -10.86
N PRO A 109 17.17 6.09 -11.53
CA PRO A 109 18.49 5.96 -12.16
C PRO A 109 19.56 5.68 -11.11
N ASN A 110 20.45 4.74 -11.43
CA ASN A 110 21.58 4.38 -10.58
C ASN A 110 21.21 3.70 -9.26
N VAL A 111 19.93 3.31 -9.08
CA VAL A 111 19.54 2.63 -7.86
C VAL A 111 19.79 1.15 -8.05
N PRO A 112 20.44 0.45 -7.09
CA PRO A 112 20.70 -0.98 -7.30
C PRO A 112 19.41 -1.80 -7.36
N ILE A 113 19.37 -2.77 -8.27
CA ILE A 113 18.24 -3.68 -8.42
C ILE A 113 18.70 -5.07 -8.01
N ILE A 114 17.95 -5.75 -7.14
CA ILE A 114 18.24 -7.15 -6.85
C ILE A 114 17.12 -7.95 -7.50
N LEU A 115 17.47 -8.88 -8.43
CA LEU A 115 16.44 -9.71 -9.06
C LEU A 115 16.19 -10.89 -8.10
N VAL A 116 14.92 -11.09 -7.67
CA VAL A 116 14.58 -12.11 -6.69
C VAL A 116 13.61 -13.11 -7.31
N GLY A 117 14.01 -14.38 -7.28
CA GLY A 117 13.16 -15.48 -7.70
C GLY A 117 12.40 -15.96 -6.47
N ASN A 118 11.10 -15.68 -6.42
CA ASN A 118 10.22 -16.07 -5.32
CA ASN A 118 10.27 -16.10 -5.28
C ASN A 118 9.64 -17.47 -5.54
N LYS A 119 9.06 -18.08 -4.48
CA LYS A 119 8.40 -19.38 -4.55
C LYS A 119 9.33 -20.47 -4.99
N LYS A 120 10.57 -20.44 -4.47
CA LYS A 120 11.56 -21.44 -4.89
C LYS A 120 11.18 -22.87 -4.47
N ASP A 121 10.31 -22.99 -3.43
CA ASP A 121 9.78 -24.27 -2.93
C ASP A 121 8.92 -24.97 -4.02
N LEU A 122 8.48 -24.24 -5.07
CA LEU A 122 7.65 -24.86 -6.12
C LEU A 122 8.46 -25.44 -7.30
N ARG A 123 9.79 -25.27 -7.29
CA ARG A 123 10.66 -25.75 -8.36
C ARG A 123 10.57 -27.27 -8.53
N ASN A 124 10.39 -27.99 -7.41
CA ASN A 124 10.29 -29.43 -7.41
C ASN A 124 8.90 -29.88 -6.90
N ASP A 125 7.86 -29.09 -7.18
CA ASP A 125 6.49 -29.44 -6.78
C ASP A 125 5.80 -30.12 -7.97
N GLU A 126 5.31 -31.35 -7.77
CA GLU A 126 4.67 -32.12 -8.85
C GLU A 126 3.49 -31.44 -9.50
N HIS A 127 2.59 -30.85 -8.71
CA HIS A 127 1.44 -30.13 -9.26
C HIS A 127 1.86 -28.96 -10.16
N THR A 128 2.93 -28.24 -9.76
CA THR A 128 3.41 -27.13 -10.57
C THR A 128 3.96 -27.60 -11.91
N ARG A 129 4.76 -28.68 -11.89
CA ARG A 129 5.35 -29.20 -13.12
C ARG A 129 4.29 -29.74 -14.08
N ARG A 130 3.20 -30.32 -13.55
CA ARG A 130 2.13 -30.84 -14.40
C ARG A 130 1.36 -29.69 -15.02
N GLU A 131 1.04 -28.64 -14.24
CA GLU A 131 0.30 -27.50 -14.77
C GLU A 131 1.06 -26.73 -15.86
N LEU A 132 2.36 -26.46 -15.62
CA LEU A 132 3.20 -25.72 -16.57
C LEU A 132 3.43 -26.51 -17.87
N ALA A 133 3.57 -27.85 -17.79
CA ALA A 133 3.80 -28.69 -18.99
C ALA A 133 2.64 -28.61 -19.99
N LYS A 134 1.43 -28.26 -19.55
CA LYS A 134 0.28 -28.09 -20.44
C LYS A 134 0.44 -26.86 -21.35
N MET A 135 1.22 -25.84 -20.91
CA MET A 135 1.53 -24.67 -21.72
C MET A 135 2.94 -24.75 -22.33
N LYS A 136 3.57 -25.95 -22.36
CA LYS A 136 4.93 -26.22 -22.85
C LYS A 136 5.97 -25.42 -22.05
N GLN A 137 5.73 -25.35 -20.72
CA GLN A 137 6.60 -24.63 -19.81
C GLN A 137 7.14 -25.54 -18.68
N GLU A 138 8.12 -25.03 -17.91
CA GLU A 138 8.70 -25.70 -16.74
C GLU A 138 9.17 -24.64 -15.73
N PRO A 139 9.34 -24.96 -14.44
CA PRO A 139 9.78 -23.93 -13.48
C PRO A 139 11.10 -23.31 -13.90
N VAL A 140 11.29 -22.02 -13.54
CA VAL A 140 12.50 -21.32 -13.90
C VAL A 140 13.72 -22.00 -13.27
N LYS A 141 14.74 -22.26 -14.06
CA LYS A 141 15.96 -22.88 -13.56
C LYS A 141 16.84 -21.78 -12.91
N PRO A 142 17.65 -22.10 -11.88
CA PRO A 142 18.54 -21.07 -11.30
C PRO A 142 19.42 -20.33 -12.34
N GLU A 143 20.01 -21.03 -13.36
CA GLU A 143 20.82 -20.35 -14.38
C GLU A 143 20.03 -19.39 -15.23
N GLU A 144 18.72 -19.67 -15.45
CA GLU A 144 17.89 -18.72 -16.22
C GLU A 144 17.68 -17.43 -15.38
N GLY A 145 17.51 -17.59 -14.08
CA GLY A 145 17.39 -16.44 -13.20
C GLY A 145 18.68 -15.63 -13.17
N ARG A 146 19.85 -16.31 -12.98
CA ARG A 146 21.13 -15.61 -12.93
C ARG A 146 21.40 -14.87 -14.27
N ASP A 147 21.11 -15.54 -15.41
CA ASP A 147 21.35 -14.91 -16.71
C ASP A 147 20.49 -13.71 -16.91
N MET A 148 19.23 -13.75 -16.42
CA MET A 148 18.36 -12.56 -16.59
C MET A 148 18.92 -11.42 -15.73
N ALA A 149 19.35 -11.74 -14.48
CA ALA A 149 19.91 -10.71 -13.61
C ALA A 149 21.14 -10.07 -14.22
N ASN A 150 21.98 -10.88 -14.85
CA ASN A 150 23.21 -10.39 -15.46
C ASN A 150 22.85 -9.43 -16.63
N ARG A 151 21.92 -9.86 -17.49
CA ARG A 151 21.47 -9.12 -18.67
C ARG A 151 20.88 -7.72 -18.32
N ILE A 152 20.04 -7.69 -17.27
CA ILE A 152 19.38 -6.43 -16.89
C ILE A 152 20.27 -5.49 -16.05
N GLY A 153 21.51 -5.87 -15.76
CA GLY A 153 22.39 -5.00 -14.97
C GLY A 153 22.04 -5.02 -13.48
N ALA A 154 21.47 -6.15 -13.03
CA ALA A 154 21.13 -6.23 -11.59
C ALA A 154 22.41 -6.26 -10.71
N PHE A 155 22.29 -5.72 -9.49
CA PHE A 155 23.35 -5.77 -8.49
C PHE A 155 23.61 -7.24 -8.11
N GLY A 156 22.56 -8.06 -8.08
CA GLY A 156 22.73 -9.48 -7.78
C GLY A 156 21.46 -10.26 -8.01
N TYR A 157 21.56 -11.59 -7.90
CA TYR A 157 20.42 -12.50 -8.08
C TYR A 157 20.27 -13.31 -6.79
N MET A 158 19.01 -13.38 -6.28
CA MET A 158 18.75 -14.18 -5.07
C MET A 158 17.45 -14.94 -5.22
N GLU A 159 17.30 -16.06 -4.46
CA GLU A 159 16.05 -16.82 -4.49
C GLU A 159 15.52 -16.95 -3.04
N CYS A 160 14.20 -17.11 -2.91
CA CYS A 160 13.62 -17.29 -1.57
C CYS A 160 12.28 -17.97 -1.66
N SER A 161 11.75 -18.34 -0.48
CA SER A 161 10.40 -18.93 -0.39
C SER A 161 9.67 -18.24 0.77
N ALA A 162 8.63 -17.44 0.48
CA ALA A 162 7.85 -16.82 1.56
C ALA A 162 7.11 -17.93 2.36
N LYS A 163 6.74 -19.05 1.72
CA LYS A 163 6.05 -20.14 2.40
C LYS A 163 6.88 -20.78 3.52
N THR A 164 8.14 -21.13 3.24
CA THR A 164 9.01 -21.76 4.25
C THR A 164 9.88 -20.77 5.01
N LYS A 165 9.97 -19.51 4.51
CA LYS A 165 10.82 -18.41 5.01
C LYS A 165 12.28 -18.53 4.54
N ASP A 166 12.68 -19.67 3.91
CA ASP A 166 14.08 -19.82 3.52
C ASP A 166 14.53 -18.75 2.54
N GLY A 167 15.63 -18.10 2.86
CA GLY A 167 16.19 -17.08 2.01
C GLY A 167 15.63 -15.68 2.19
N VAL A 168 14.51 -15.54 2.93
CA VAL A 168 13.87 -14.24 3.05
C VAL A 168 14.71 -13.23 3.81
N ARG A 169 15.22 -13.61 4.99
CA ARG A 169 16.08 -12.70 5.75
C ARG A 169 17.30 -12.25 4.93
N GLU A 170 17.91 -13.20 4.22
CA GLU A 170 19.10 -12.90 3.40
C GLU A 170 18.81 -11.86 2.32
N VAL A 171 17.62 -11.95 1.66
CA VAL A 171 17.25 -10.98 0.64
C VAL A 171 17.23 -9.56 1.22
N PHE A 172 16.52 -9.38 2.39
CA PHE A 172 16.41 -8.03 2.93
C PHE A 172 17.72 -7.50 3.55
N GLU A 173 18.59 -8.42 4.07
CA GLU A 173 19.88 -7.96 4.59
C GLU A 173 20.73 -7.48 3.39
N MET A 174 20.72 -8.24 2.27
CA MET A 174 21.47 -7.84 1.08
C MET A 174 20.90 -6.55 0.51
N ALA A 175 19.54 -6.39 0.48
CA ALA A 175 18.98 -5.12 -0.03
C ALA A 175 19.48 -3.94 0.79
N THR A 176 19.64 -4.15 2.12
CA THR A 176 20.13 -3.10 3.01
C THR A 176 21.58 -2.73 2.67
N ARG A 177 22.41 -3.76 2.48
CA ARG A 177 23.81 -3.53 2.05
C ARG A 177 23.85 -2.76 0.72
N ALA A 178 23.00 -3.16 -0.24
CA ALA A 178 22.99 -2.48 -1.55
C ALA A 178 22.59 -1.02 -1.39
N ALA A 179 21.57 -0.77 -0.51
CA ALA A 179 21.10 0.60 -0.26
C ALA A 179 22.18 1.51 0.37
N LEU A 180 23.10 0.90 1.13
CA LEU A 180 24.18 1.65 1.82
C LEU A 180 25.35 1.97 0.90
N GLN A 181 25.48 1.30 -0.25
CA GLN A 181 26.63 1.54 -1.14
C GLN A 181 26.59 2.91 -1.84
N ALA A 182 27.79 3.44 -2.16
CA ALA A 182 27.91 4.74 -2.85
C ALA A 182 27.36 4.64 -4.28
N SER B 1 -6.91 7.22 16.11
CA SER B 1 -8.20 6.54 16.22
CA SER B 1 -8.22 6.57 16.23
C SER B 1 -8.72 6.56 17.68
N MET B 2 -10.04 6.41 17.88
CA MET B 2 -10.61 6.35 19.21
C MET B 2 -10.50 4.93 19.74
N GLU B 3 -10.36 4.80 21.07
CA GLU B 3 -10.10 3.53 21.71
C GLU B 3 -11.14 2.44 21.41
N MET B 4 -12.43 2.80 21.35
CA MET B 4 -13.47 1.80 21.05
CA MET B 4 -13.50 1.86 21.03
C MET B 4 -13.19 1.11 19.72
N ASP B 5 -12.85 1.90 18.67
CA ASP B 5 -12.61 1.29 17.35
C ASP B 5 -11.27 0.59 17.29
N GLU B 6 -10.26 1.12 17.98
CA GLU B 6 -8.92 0.45 17.99
C GLU B 6 -9.06 -0.94 18.61
N LYS B 7 -9.80 -1.04 19.74
CA LYS B 7 -9.94 -2.35 20.37
C LYS B 7 -10.79 -3.28 19.49
N ASP B 8 -11.84 -2.73 18.84
CA ASP B 8 -12.69 -3.59 17.97
C ASP B 8 -11.89 -4.16 16.80
N PHE B 9 -10.83 -3.46 16.38
CA PHE B 9 -10.00 -3.93 15.24
C PHE B 9 -8.54 -4.24 15.66
N ALA B 10 -8.35 -4.62 16.93
CA ALA B 10 -6.98 -4.94 17.42
C ALA B 10 -6.51 -6.30 16.90
N ALA B 11 -7.45 -7.27 16.78
CA ALA B 11 -7.10 -8.63 16.38
C ALA B 11 -6.58 -8.70 14.95
N ASP B 12 -5.73 -9.71 14.66
CA ASP B 12 -5.19 -9.83 13.29
C ASP B 12 -6.28 -10.27 12.29
N SER B 13 -7.43 -10.79 12.76
CA SER B 13 -8.47 -11.23 11.82
C SER B 13 -9.85 -11.21 12.48
N TRP B 14 -10.92 -11.33 11.68
CA TRP B 14 -12.26 -11.43 12.26
C TRP B 14 -12.36 -12.72 13.10
N SER B 15 -11.74 -13.82 12.62
CA SER B 15 -11.82 -15.09 13.36
CA SER B 15 -11.79 -15.10 13.34
C SER B 15 -11.19 -15.00 14.75
N LEU B 16 -10.21 -14.09 14.94
CA LEU B 16 -9.58 -13.87 16.27
C LEU B 16 -10.28 -12.75 17.05
N ALA B 17 -11.09 -11.89 16.36
CA ALA B 17 -11.82 -10.80 17.02
C ALA B 17 -13.09 -11.30 17.72
N VAL B 18 -13.83 -12.20 17.07
CA VAL B 18 -15.09 -12.71 17.66
C VAL B 18 -14.81 -13.75 18.76
N ASP B 19 -15.81 -14.02 19.61
CA ASP B 19 -15.66 -15.06 20.64
C ASP B 19 -15.52 -16.41 19.93
N SER B 20 -14.65 -17.31 20.45
CA SER B 20 -14.50 -18.63 19.82
C SER B 20 -15.82 -19.41 19.74
N SER B 21 -16.73 -19.24 20.74
CA SER B 21 -18.02 -19.92 20.69
C SER B 21 -18.92 -19.41 19.55
N PHE B 22 -18.73 -18.15 19.11
CA PHE B 22 -19.49 -17.58 18.01
C PHE B 22 -18.86 -18.04 16.69
N LEU B 23 -17.51 -18.06 16.63
CA LEU B 23 -16.78 -18.49 15.44
C LEU B 23 -17.21 -19.91 15.04
N GLN B 24 -17.33 -20.80 16.04
CA GLN B 24 -17.72 -22.19 15.82
C GLN B 24 -19.09 -22.36 15.18
N GLN B 25 -19.96 -21.35 15.25
CA GLN B 25 -21.29 -21.43 14.66
C GLN B 25 -21.33 -21.21 13.16
N HIS B 26 -20.21 -20.80 12.54
CA HIS B 26 -20.26 -20.48 11.09
C HIS B 26 -19.48 -21.46 10.25
N LYS B 27 -19.89 -21.56 9.01
CA LYS B 27 -19.17 -22.38 8.05
C LYS B 27 -17.88 -21.68 7.61
N LYS B 28 -16.93 -22.48 7.12
CA LYS B 28 -15.63 -22.01 6.67
C LYS B 28 -15.75 -20.87 5.64
N GLU B 29 -16.66 -21.00 4.66
CA GLU B 29 -16.77 -19.97 3.62
C GLU B 29 -17.18 -18.61 4.20
N VAL B 30 -18.07 -18.62 5.22
CA VAL B 30 -18.47 -17.38 5.91
C VAL B 30 -17.28 -16.79 6.64
N MET B 31 -16.50 -17.62 7.35
CA MET B 31 -15.32 -17.13 8.06
CA MET B 31 -15.31 -17.15 8.06
C MET B 31 -14.35 -16.46 7.06
N LYS B 32 -14.14 -17.08 5.87
CA LYS B 32 -13.21 -16.50 4.90
C LYS B 32 -13.70 -15.14 4.40
N GLN B 33 -15.01 -15.05 4.11
CA GLN B 33 -15.58 -13.77 3.65
C GLN B 33 -15.43 -12.70 4.76
N GLN B 34 -15.78 -13.06 6.00
CA GLN B 34 -15.71 -12.07 7.10
C GLN B 34 -14.29 -11.62 7.41
N ASP B 35 -13.31 -12.53 7.27
CA ASP B 35 -11.91 -12.11 7.51
C ASP B 35 -11.49 -11.01 6.50
N VAL B 36 -11.92 -11.13 5.22
CA VAL B 36 -11.49 -10.10 4.23
C VAL B 36 -12.25 -8.80 4.46
N ILE B 37 -13.56 -8.89 4.80
CA ILE B 37 -14.32 -7.64 5.08
C ILE B 37 -13.69 -6.93 6.29
N TYR B 38 -13.27 -7.70 7.30
CA TYR B 38 -12.62 -7.13 8.48
C TYR B 38 -11.31 -6.44 8.08
N GLU B 39 -10.53 -7.04 7.15
CA GLU B 39 -9.30 -6.36 6.69
C GLU B 39 -9.62 -5.05 5.96
N LEU B 40 -10.70 -5.03 5.14
CA LEU B 40 -11.06 -3.77 4.45
C LEU B 40 -11.36 -2.67 5.51
N ILE B 41 -12.19 -3.01 6.54
CA ILE B 41 -12.55 -1.99 7.53
C ILE B 41 -11.35 -1.60 8.38
N GLN B 42 -10.56 -2.58 8.82
CA GLN B 42 -9.37 -2.31 9.65
C GLN B 42 -8.39 -1.40 8.88
N THR B 43 -8.13 -1.71 7.60
CA THR B 43 -7.21 -0.85 6.83
C THR B 43 -7.84 0.54 6.55
N GLU B 44 -9.19 0.62 6.47
CA GLU B 44 -9.81 1.93 6.27
C GLU B 44 -9.64 2.74 7.58
N LEU B 45 -9.82 2.09 8.75
CA LEU B 45 -9.60 2.79 10.04
C LEU B 45 -8.17 3.35 10.10
N HIS B 46 -7.18 2.54 9.68
CA HIS B 46 -5.78 3.00 9.71
C HIS B 46 -5.56 4.15 8.70
N HIS B 47 -6.25 4.10 7.56
CA HIS B 47 -6.10 5.17 6.53
C HIS B 47 -6.66 6.48 7.05
N VAL B 48 -7.83 6.41 7.77
CA VAL B 48 -8.38 7.64 8.35
C VAL B 48 -7.43 8.15 9.44
N ARG B 49 -6.78 7.24 10.19
CA ARG B 49 -5.80 7.66 11.22
C ARG B 49 -4.57 8.35 10.54
N THR B 50 -4.13 7.86 9.36
CA THR B 50 -3.04 8.53 8.62
C THR B 50 -3.44 9.97 8.26
N LEU B 51 -4.71 10.13 7.82
CA LEU B 51 -5.18 11.48 7.44
C LEU B 51 -5.29 12.37 8.71
N LYS B 52 -5.67 11.79 9.86
CA LYS B 52 -5.71 12.59 11.10
C LYS B 52 -4.30 13.01 11.51
N ILE B 53 -3.27 12.13 11.34
CA ILE B 53 -1.88 12.57 11.64
C ILE B 53 -1.51 13.78 10.74
N MET B 54 -1.85 13.66 9.44
CA MET B 54 -1.57 14.77 8.51
C MET B 54 -2.28 16.08 8.86
N THR B 55 -3.59 16.01 9.17
CA THR B 55 -4.33 17.27 9.47
C THR B 55 -4.01 17.80 10.84
N ARG B 56 -4.07 16.95 11.87
CA ARG B 56 -3.96 17.41 13.25
C ARG B 56 -2.54 17.54 13.77
N LEU B 57 -1.71 16.50 13.56
CA LEU B 57 -0.35 16.56 14.13
C LEU B 57 0.54 17.46 13.27
N PHE B 58 0.58 17.21 11.95
CA PHE B 58 1.50 17.97 11.09
C PHE B 58 0.97 19.35 10.68
N ARG B 59 -0.10 19.38 9.88
CA ARG B 59 -0.61 20.63 9.31
C ARG B 59 -0.94 21.65 10.40
N THR B 60 -1.80 21.27 11.35
CA THR B 60 -2.22 22.20 12.40
C THR B 60 -1.04 22.56 13.33
N GLY B 61 -0.12 21.62 13.58
CA GLY B 61 1.04 21.93 14.40
C GLY B 61 1.94 22.97 13.74
N MET B 62 2.12 22.86 12.40
CA MET B 62 2.93 23.86 11.67
C MET B 62 2.26 25.22 11.70
N LEU B 63 0.92 25.25 11.59
CA LEU B 63 0.22 26.56 11.63
C LEU B 63 0.31 27.18 13.01
N GLU B 64 0.22 26.39 14.05
CA GLU B 64 0.24 26.90 15.42
C GLU B 64 1.62 27.21 16.02
N GLU B 65 2.71 26.54 15.54
N GLU B 65 2.57 26.31 15.90
CA GLU B 65 4.10 26.72 16.03
CA GLU B 65 3.85 26.47 16.59
C GLU B 65 5.10 27.43 15.09
C GLU B 65 4.93 27.09 15.72
N LEU B 66 5.00 27.24 13.77
N LEU B 66 4.79 27.00 14.41
CA LEU B 66 6.01 27.79 12.85
CA LEU B 66 5.77 27.59 13.49
C LEU B 66 5.59 29.08 12.13
C LEU B 66 5.26 28.88 12.85
N HIS B 67 6.55 29.78 11.49
N HIS B 67 3.93 29.13 12.88
CA HIS B 67 6.29 31.02 10.76
CA HIS B 67 3.28 30.28 12.25
C HIS B 67 6.53 30.80 9.26
C HIS B 67 3.58 30.32 10.74
N LEU B 68 5.85 29.81 8.66
N LEU B 68 3.70 29.14 10.11
CA LEU B 68 6.04 29.52 7.23
CA LEU B 68 3.97 29.05 8.69
C LEU B 68 5.41 30.57 6.33
C LEU B 68 2.81 29.63 7.90
N GLU B 69 5.95 30.77 5.13
N GLU B 69 3.13 30.21 6.75
CA GLU B 69 5.39 31.72 4.18
CA GLU B 69 2.17 30.81 5.84
C GLU B 69 3.99 31.25 3.71
C GLU B 69 1.21 29.73 5.34
N PRO B 70 3.04 32.15 3.38
N PRO B 70 -0.11 30.03 5.33
CA PRO B 70 1.70 31.67 2.93
CA PRO B 70 -1.09 29.03 4.86
C PRO B 70 1.78 30.70 1.74
C PRO B 70 -0.74 28.40 3.52
N GLY B 71 0.87 29.74 1.69
N GLY B 71 -0.27 29.19 2.55
CA GLY B 71 0.86 28.75 0.63
CA GLY B 71 0.11 28.67 1.24
C GLY B 71 1.76 27.54 0.88
C GLY B 71 1.21 27.64 1.28
N VAL B 72 2.68 27.65 1.83
N VAL B 72 2.23 27.83 2.14
CA VAL B 72 3.59 26.55 2.13
CA VAL B 72 3.34 26.88 2.28
C VAL B 72 2.87 25.37 2.82
C VAL B 72 2.81 25.54 2.80
N VAL B 73 2.04 25.61 3.86
CA VAL B 73 1.38 24.46 4.50
C VAL B 73 0.40 23.74 3.54
N GLN B 74 -0.34 24.53 2.72
CA GLN B 74 -1.23 23.94 1.72
CA GLN B 74 -1.22 23.98 1.69
C GLN B 74 -0.42 23.15 0.67
N GLY B 75 0.79 23.62 0.35
CA GLY B 75 1.66 22.93 -0.60
C GLY B 75 2.18 21.60 -0.07
N LEU B 76 2.40 21.53 1.26
CA LEU B 76 2.88 20.28 1.87
C LEU B 76 1.74 19.27 2.00
N PHE B 77 0.52 19.75 2.30
CA PHE B 77 -0.63 18.87 2.55
C PHE B 77 -1.80 19.20 1.63
N PRO B 78 -1.64 19.00 0.31
CA PRO B 78 -2.74 19.35 -0.62
C PRO B 78 -3.98 18.49 -0.36
N CYS B 79 -5.18 19.10 -0.38
CA CYS B 79 -6.46 18.39 -0.31
C CYS B 79 -6.70 17.58 0.95
N VAL B 80 -5.91 17.74 2.00
CA VAL B 80 -6.07 16.84 3.16
CA VAL B 80 -6.03 16.88 3.17
C VAL B 80 -7.41 16.95 3.86
N ASP B 81 -8.01 18.15 3.93
CA ASP B 81 -9.33 18.23 4.58
C ASP B 81 -10.40 17.51 3.75
N GLU B 82 -10.36 17.63 2.42
CA GLU B 82 -11.32 16.96 1.56
CA GLU B 82 -11.34 16.95 1.58
C GLU B 82 -11.13 15.44 1.65
N LEU B 83 -9.88 14.97 1.64
CA LEU B 83 -9.60 13.52 1.75
C LEU B 83 -10.11 13.01 3.10
N SER B 84 -9.89 13.78 4.17
CA SER B 84 -10.36 13.36 5.51
CA SER B 84 -10.36 13.40 5.50
C SER B 84 -11.88 13.26 5.52
N ASP B 85 -12.59 14.23 4.90
CA ASP B 85 -14.06 14.19 4.90
C ASP B 85 -14.57 12.95 4.10
N ILE B 86 -13.95 12.68 2.94
CA ILE B 86 -14.37 11.52 2.12
C ILE B 86 -14.24 10.20 2.93
N HIS B 87 -13.06 9.99 3.51
CA HIS B 87 -12.78 8.70 4.13
C HIS B 87 -13.41 8.59 5.52
N THR B 88 -13.54 9.71 6.28
CA THR B 88 -14.21 9.62 7.59
C THR B 88 -15.69 9.25 7.38
N ARG B 89 -16.31 9.80 6.30
CA ARG B 89 -17.70 9.44 6.01
C ARG B 89 -17.80 7.95 5.60
N PHE B 90 -16.89 7.46 4.73
CA PHE B 90 -16.93 6.07 4.30
C PHE B 90 -16.72 5.13 5.50
N LEU B 91 -15.74 5.46 6.36
CA LEU B 91 -15.46 4.64 7.56
C LEU B 91 -16.70 4.64 8.46
N SER B 92 -17.37 5.81 8.61
CA SER B 92 -18.58 5.85 9.45
CA SER B 92 -18.57 5.86 9.46
C SER B 92 -19.63 4.85 8.97
N GLN B 93 -19.82 4.79 7.63
CA GLN B 93 -20.81 3.84 7.06
C GLN B 93 -20.40 2.40 7.30
N LEU B 94 -19.08 2.09 7.12
CA LEU B 94 -18.63 0.71 7.35
C LEU B 94 -18.85 0.31 8.82
N LEU B 95 -18.48 1.20 9.76
CA LEU B 95 -18.62 0.90 11.19
C LEU B 95 -20.08 0.84 11.61
N GLU B 96 -20.97 1.61 10.93
CA GLU B 96 -22.39 1.50 11.28
C GLU B 96 -22.97 0.15 10.81
N ARG B 97 -22.51 -0.36 9.65
CA ARG B 97 -22.97 -1.65 9.15
C ARG B 97 -22.53 -2.77 10.15
N ARG B 98 -21.30 -2.65 10.67
CA ARG B 98 -20.82 -3.61 11.68
C ARG B 98 -21.65 -3.49 12.98
N ARG B 99 -21.88 -2.24 13.45
CA ARG B 99 -22.58 -2.07 14.71
CA ARG B 99 -22.61 -1.97 14.68
C ARG B 99 -24.01 -2.60 14.63
N GLN B 100 -24.70 -2.37 13.51
CA GLN B 100 -26.08 -2.92 13.37
C GLN B 100 -26.08 -4.43 13.37
N ALA B 101 -25.01 -5.06 12.87
CA ALA B 101 -24.94 -6.51 12.76
C ALA B 101 -24.57 -7.21 14.10
N LEU B 102 -24.16 -6.43 15.13
CA LEU B 102 -23.76 -7.08 16.40
C LEU B 102 -24.90 -7.87 17.04
N CYS B 103 -24.57 -9.01 17.66
CA CYS B 103 -25.59 -9.75 18.41
C CYS B 103 -25.94 -8.96 19.64
N PRO B 104 -27.22 -8.96 20.07
CA PRO B 104 -27.54 -8.33 21.36
C PRO B 104 -26.72 -8.97 22.47
N GLY B 105 -26.19 -8.13 23.34
CA GLY B 105 -25.36 -8.59 24.44
C GLY B 105 -23.88 -8.65 24.08
N SER B 106 -23.53 -8.36 22.81
CA SER B 106 -22.13 -8.42 22.40
C SER B 106 -21.65 -7.13 21.78
N THR B 107 -20.37 -6.82 22.00
CA THR B 107 -19.75 -5.68 21.33
C THR B 107 -18.70 -6.19 20.31
N ARG B 108 -18.60 -7.54 20.09
CA ARG B 108 -17.62 -8.05 19.14
C ARG B 108 -18.14 -9.08 18.13
N ASN B 109 -19.27 -9.75 18.43
CA ASN B 109 -19.75 -10.80 17.52
C ASN B 109 -20.75 -10.27 16.50
N PHE B 110 -20.36 -10.33 15.21
CA PHE B 110 -21.22 -9.87 14.12
C PHE B 110 -20.82 -10.60 12.82
N VAL B 111 -21.75 -10.56 11.84
CA VAL B 111 -21.46 -11.00 10.46
C VAL B 111 -22.04 -9.90 9.53
N ILE B 112 -21.25 -9.39 8.57
CA ILE B 112 -21.77 -8.42 7.60
C ILE B 112 -22.10 -9.23 6.32
N HIS B 113 -23.39 -9.31 5.98
CA HIS B 113 -23.81 -10.04 4.77
C HIS B 113 -24.02 -9.14 3.56
N ARG B 114 -24.18 -7.79 3.75
N ARG B 114 -24.24 -7.86 3.83
CA ARG B 114 -24.58 -6.87 2.66
CA ARG B 114 -24.52 -6.87 2.84
C ARG B 114 -23.65 -5.70 2.31
C ARG B 114 -23.46 -5.82 2.97
N LEU B 115 -22.37 -5.97 2.25
N LEU B 115 -22.51 -5.86 2.07
CA LEU B 115 -21.39 -4.93 1.94
CA LEU B 115 -21.42 -4.90 1.92
C LEU B 115 -21.50 -4.32 0.52
C LEU B 115 -21.49 -4.32 0.52
N GLY B 116 -21.83 -5.14 -0.49
CA GLY B 116 -21.86 -4.68 -1.88
C GLY B 116 -22.61 -3.37 -2.12
N ASP B 117 -23.81 -3.23 -1.54
CA ASP B 117 -24.61 -2.02 -1.75
CA ASP B 117 -24.61 -2.03 -1.74
C ASP B 117 -23.91 -0.78 -1.20
N LEU B 118 -23.20 -0.93 -0.07
CA LEU B 118 -22.48 0.19 0.55
C LEU B 118 -21.34 0.59 -0.39
N LEU B 119 -20.63 -0.41 -0.97
CA LEU B 119 -19.52 -0.08 -1.89
C LEU B 119 -20.03 0.54 -3.19
N ILE B 120 -21.19 0.06 -3.73
CA ILE B 120 -21.76 0.72 -4.92
C ILE B 120 -22.06 2.20 -4.62
N SER B 121 -22.67 2.47 -3.46
CA SER B 121 -23.00 3.85 -3.09
CA SER B 121 -22.99 3.86 -3.08
C SER B 121 -21.72 4.71 -2.97
N GLN B 122 -20.68 4.18 -2.30
CA GLN B 122 -19.43 4.95 -2.16
C GLN B 122 -18.78 5.26 -3.50
N PHE B 123 -18.80 4.30 -4.42
CA PHE B 123 -18.10 4.44 -5.68
C PHE B 123 -18.99 4.80 -6.87
N SER B 124 -20.14 5.46 -6.60
CA SER B 124 -20.96 5.98 -7.70
C SER B 124 -21.54 7.34 -7.27
N GLY B 125 -22.19 8.04 -8.21
CA GLY B 125 -22.82 9.31 -7.92
C GLY B 125 -21.88 10.40 -7.44
N PRO B 126 -22.42 11.38 -6.68
CA PRO B 126 -21.58 12.51 -6.24
C PRO B 126 -20.38 12.13 -5.38
N SER B 127 -20.47 11.05 -4.56
CA SER B 127 -19.31 10.69 -3.75
C SER B 127 -18.17 10.20 -4.67
N ALA B 128 -18.48 9.46 -5.75
CA ALA B 128 -17.40 9.02 -6.67
C ALA B 128 -16.83 10.22 -7.42
N GLU B 129 -17.69 11.18 -7.80
CA GLU B 129 -17.18 12.39 -8.50
C GLU B 129 -16.23 13.17 -7.58
N GLN B 130 -16.57 13.28 -6.28
CA GLN B 130 -15.68 13.98 -5.34
CA GLN B 130 -15.72 13.94 -5.28
C GLN B 130 -14.38 13.18 -5.13
N MET B 131 -14.45 11.81 -5.03
CA MET B 131 -13.20 11.05 -4.87
C MET B 131 -12.31 11.24 -6.11
N CYS B 132 -12.92 11.23 -7.31
CA CYS B 132 -12.14 11.42 -8.54
C CYS B 132 -11.49 12.81 -8.57
N LYS B 133 -12.28 13.85 -8.28
CA LYS B 133 -11.75 15.22 -8.30
C LYS B 133 -10.61 15.39 -7.28
N THR B 134 -10.80 14.86 -6.06
CA THR B 134 -9.83 15.06 -4.99
C THR B 134 -8.53 14.29 -5.25
N TYR B 135 -8.65 13.00 -5.63
CA TYR B 135 -7.43 12.21 -5.89
C TYR B 135 -6.70 12.68 -7.17
N SER B 136 -7.46 13.16 -8.18
CA SER B 136 -6.76 13.68 -9.41
C SER B 136 -5.90 14.91 -9.01
N GLU B 137 -6.46 15.75 -8.10
CA GLU B 137 -5.71 16.92 -7.62
C GLU B 137 -4.54 16.53 -6.70
N PHE B 138 -4.83 15.67 -5.69
CA PHE B 138 -3.81 15.28 -4.72
C PHE B 138 -2.62 14.58 -5.43
N CYS B 139 -2.94 13.58 -6.26
CA CYS B 139 -1.86 12.81 -6.88
C CYS B 139 -1.06 13.67 -7.87
N SER B 140 -1.71 14.69 -8.48
CA SER B 140 -0.93 15.60 -9.36
C SER B 140 -0.04 16.57 -8.58
N ARG B 141 -0.26 16.71 -7.27
CA ARG B 141 0.53 17.61 -6.42
C ARG B 141 1.52 16.85 -5.51
N HIS B 142 1.65 15.53 -5.72
CA HIS B 142 2.43 14.63 -4.87
C HIS B 142 3.91 14.98 -4.98
N SER B 143 4.48 15.06 -6.22
CA SER B 143 5.92 15.39 -6.35
C SER B 143 6.27 16.73 -5.76
N LYS B 144 5.38 17.73 -5.96
CA LYS B 144 5.62 19.08 -5.49
C LYS B 144 5.63 19.10 -3.95
N ALA B 145 4.73 18.33 -3.33
CA ALA B 145 4.69 18.31 -1.85
C ALA B 145 5.99 17.70 -1.29
N LEU B 146 6.46 16.58 -1.90
CA LEU B 146 7.70 15.93 -1.43
C LEU B 146 8.89 16.86 -1.56
N LYS B 147 8.97 17.57 -2.70
CA LYS B 147 10.08 18.50 -2.93
C LYS B 147 10.08 19.68 -1.97
N LEU B 148 8.87 20.22 -1.66
CA LEU B 148 8.77 21.32 -0.72
C LEU B 148 9.18 20.87 0.68
N TYR B 149 8.76 19.65 1.08
CA TYR B 149 9.11 19.11 2.39
C TYR B 149 10.65 19.00 2.53
N LYS B 150 11.27 18.41 1.51
CA LYS B 150 12.72 18.20 1.54
C LYS B 150 13.48 19.51 1.64
N GLU B 151 13.04 20.54 0.93
CA GLU B 151 13.70 21.84 0.96
CA GLU B 151 13.70 21.85 0.98
C GLU B 151 13.60 22.48 2.37
N LEU B 152 12.40 22.46 2.95
CA LEU B 152 12.21 23.05 4.29
C LEU B 152 13.00 22.28 5.38
N TYR B 153 13.01 20.95 5.29
CA TYR B 153 13.73 20.15 6.31
C TYR B 153 15.23 20.43 6.27
N ALA B 154 15.78 20.63 5.05
CA ALA B 154 17.21 20.87 4.93
C ALA B 154 17.61 22.31 5.23
N ARG B 155 16.70 23.29 5.07
CA ARG B 155 17.10 24.70 5.23
CA ARG B 155 17.06 24.72 5.20
C ARG B 155 16.52 25.45 6.43
N ASP B 156 15.39 25.01 7.00
CA ASP B 156 14.75 25.70 8.11
C ASP B 156 14.90 24.93 9.43
N LYS B 157 15.71 25.49 10.35
CA LYS B 157 16.00 24.90 11.65
C LYS B 157 14.78 24.65 12.49
N ARG B 158 13.86 25.65 12.59
CA ARG B 158 12.69 25.47 13.42
C ARG B 158 11.79 24.35 12.81
N PHE B 159 11.72 24.26 11.50
CA PHE B 159 10.94 23.19 10.80
C PHE B 159 11.53 21.81 11.07
N GLN B 160 12.86 21.67 10.95
CA GLN B 160 13.53 20.41 11.24
C GLN B 160 13.29 20.00 12.70
N GLN B 161 13.39 20.96 13.66
CA GLN B 161 13.16 20.63 15.07
C GLN B 161 11.73 20.16 15.30
N PHE B 162 10.74 20.87 14.68
CA PHE B 162 9.33 20.50 14.80
C PHE B 162 9.12 19.05 14.29
N ILE B 163 9.66 18.74 13.09
CA ILE B 163 9.44 17.39 12.51
C ILE B 163 10.07 16.32 13.41
N ARG B 164 11.32 16.56 13.86
CA ARG B 164 11.99 15.59 14.72
C ARG B 164 11.22 15.41 16.04
N LYS B 165 10.60 16.48 16.55
CA LYS B 165 9.86 16.41 17.82
C LYS B 165 8.59 15.58 17.68
N VAL B 166 7.77 15.89 16.65
CA VAL B 166 6.47 15.22 16.58
C VAL B 166 6.56 13.82 16.00
N THR B 167 7.67 13.50 15.28
CA THR B 167 7.84 12.12 14.76
C THR B 167 8.71 11.25 15.65
N ARG B 168 9.19 11.77 16.80
CA ARG B 168 10.00 10.95 17.71
C ARG B 168 9.26 9.75 18.31
N PRO B 169 7.99 9.89 18.74
CA PRO B 169 7.33 8.75 19.40
C PRO B 169 7.31 7.50 18.55
N ALA B 170 7.44 6.32 19.19
CA ALA B 170 7.43 5.06 18.42
C ALA B 170 6.15 4.86 17.59
N VAL B 171 5.00 5.36 18.07
CA VAL B 171 3.75 5.17 17.29
C VAL B 171 3.76 5.92 15.97
N LEU B 172 4.73 6.85 15.73
CA LEU B 172 4.82 7.56 14.44
C LEU B 172 5.91 6.94 13.54
N LYS B 173 6.45 5.77 13.89
CA LYS B 173 7.59 5.20 13.15
C LYS B 173 7.34 5.06 11.66
N ARG B 174 6.11 4.66 11.27
CA ARG B 174 5.77 4.45 9.84
C ARG B 174 5.14 5.70 9.18
N HIS B 175 4.96 6.79 9.97
CA HIS B 175 4.16 7.93 9.55
C HIS B 175 4.85 9.29 9.54
N GLY B 176 6.06 9.35 9.01
CA GLY B 176 6.64 10.65 8.69
C GLY B 176 5.83 11.34 7.58
N VAL B 177 6.16 12.61 7.25
CA VAL B 177 5.38 13.36 6.25
C VAL B 177 5.33 12.67 4.90
N GLN B 178 6.49 12.28 4.37
CA GLN B 178 6.53 11.67 3.03
C GLN B 178 5.85 10.30 3.02
N GLU B 179 5.99 9.55 4.12
CA GLU B 179 5.37 8.24 4.27
C GLU B 179 3.85 8.38 4.27
N CYS B 180 3.32 9.40 4.97
CA CYS B 180 1.86 9.63 4.98
C CYS B 180 1.36 9.91 3.56
N ILE B 181 2.10 10.77 2.83
CA ILE B 181 1.66 11.13 1.47
C ILE B 181 1.57 9.88 0.56
N LEU B 182 2.60 9.00 0.61
CA LEU B 182 2.54 7.80 -0.24
C LEU B 182 1.50 6.78 0.29
N LEU B 183 1.27 6.69 1.63
CA LEU B 183 0.20 5.79 2.14
C LEU B 183 -1.17 6.24 1.55
N VAL B 184 -1.38 7.56 1.46
CA VAL B 184 -2.67 8.05 0.94
C VAL B 184 -2.78 7.81 -0.58
N THR B 185 -1.73 8.12 -1.35
CA THR B 185 -1.75 7.85 -2.79
C THR B 185 -1.98 6.36 -3.08
N GLN B 186 -1.37 5.48 -2.25
CA GLN B 186 -1.52 4.05 -2.51
C GLN B 186 -2.87 3.48 -2.02
N ARG B 187 -3.63 4.23 -1.20
CA ARG B 187 -4.87 3.63 -0.66
C ARG B 187 -5.85 3.21 -1.75
N ILE B 188 -6.03 4.12 -2.71
CA ILE B 188 -7.07 3.88 -3.72
C ILE B 188 -6.84 2.61 -4.55
N THR B 189 -5.54 2.25 -4.78
CA THR B 189 -5.27 1.05 -5.56
C THR B 189 -5.28 -0.22 -4.69
N LYS B 190 -5.56 -0.11 -3.35
CA LYS B 190 -5.73 -1.33 -2.57
C LYS B 190 -7.18 -1.85 -2.71
N TYR B 191 -8.15 -0.96 -3.03
CA TYR B 191 -9.56 -1.36 -3.03
C TYR B 191 -9.90 -2.52 -3.98
N PRO B 192 -9.40 -2.55 -5.23
CA PRO B 192 -9.77 -3.68 -6.11
C PRO B 192 -9.35 -5.03 -5.55
N LEU B 193 -8.15 -5.12 -4.97
CA LEU B 193 -7.60 -6.37 -4.43
CA LEU B 193 -7.69 -6.44 -4.48
C LEU B 193 -8.53 -6.88 -3.29
N LEU B 194 -8.89 -5.95 -2.41
CA LEU B 194 -9.74 -6.31 -1.25
C LEU B 194 -11.15 -6.73 -1.73
N ILE B 195 -11.73 -5.93 -2.64
CA ILE B 195 -13.09 -6.25 -3.14
C ILE B 195 -13.13 -7.56 -3.91
N SER B 196 -12.10 -7.82 -4.77
CA SER B 196 -12.09 -9.06 -5.53
CA SER B 196 -12.10 -9.08 -5.53
CA SER B 196 -12.09 -9.08 -5.53
C SER B 196 -12.01 -10.28 -4.58
N ARG B 197 -11.23 -10.15 -3.48
CA ARG B 197 -11.12 -11.29 -2.55
C ARG B 197 -12.42 -11.46 -1.75
N ILE B 198 -13.09 -10.36 -1.35
CA ILE B 198 -14.42 -10.49 -0.69
C ILE B 198 -15.41 -11.20 -1.67
N LEU B 199 -15.40 -10.76 -2.93
CA LEU B 199 -16.28 -11.32 -3.96
C LEU B 199 -16.04 -12.85 -4.12
N GLN B 200 -14.76 -13.29 -4.09
CA GLN B 200 -14.42 -14.70 -4.19
C GLN B 200 -15.14 -15.57 -3.15
N HIS B 201 -15.42 -14.97 -1.96
CA HIS B 201 -16.08 -15.69 -0.90
C HIS B 201 -17.53 -15.22 -0.68
N SER B 202 -18.15 -14.58 -1.71
CA SER B 202 -19.53 -14.08 -1.53
C SER B 202 -20.49 -14.67 -2.55
N HIS B 203 -20.25 -15.92 -2.99
CA HIS B 203 -21.14 -16.53 -3.98
C HIS B 203 -22.44 -17.12 -3.40
N GLY B 204 -22.51 -17.25 -2.08
CA GLY B 204 -23.64 -17.89 -1.40
C GLY B 204 -24.97 -17.22 -1.64
N ILE B 205 -24.94 -15.87 -1.76
CA ILE B 205 -26.15 -15.08 -2.05
CA ILE B 205 -26.15 -15.08 -2.03
C ILE B 205 -25.92 -14.41 -3.39
N GLU B 206 -26.66 -14.83 -4.42
CA GLU B 206 -26.45 -14.26 -5.77
C GLU B 206 -26.60 -12.74 -5.85
N GLU B 207 -27.57 -12.17 -5.10
CA GLU B 207 -27.66 -10.69 -5.13
C GLU B 207 -26.36 -10.02 -4.59
N GLU B 208 -25.69 -10.68 -3.65
CA GLU B 208 -24.45 -10.13 -3.07
C GLU B 208 -23.29 -10.25 -4.06
N ARG B 209 -23.20 -11.40 -4.73
CA ARG B 209 -22.19 -11.61 -5.76
C ARG B 209 -22.35 -10.54 -6.88
N GLN B 210 -23.64 -10.31 -7.30
CA GLN B 210 -23.87 -9.31 -8.35
C GLN B 210 -23.48 -7.91 -7.85
N ASP B 211 -23.85 -7.56 -6.61
CA ASP B 211 -23.55 -6.21 -6.09
C ASP B 211 -22.04 -5.98 -5.96
N LEU B 212 -21.28 -7.00 -5.50
CA LEU B 212 -19.80 -6.80 -5.39
C LEU B 212 -19.16 -6.73 -6.79
N THR B 213 -19.74 -7.46 -7.77
CA THR B 213 -19.22 -7.39 -9.14
C THR B 213 -19.41 -5.96 -9.69
N THR B 214 -20.60 -5.36 -9.45
CA THR B 214 -20.87 -3.98 -9.85
C THR B 214 -19.88 -3.01 -9.13
N ALA B 215 -19.71 -3.19 -7.82
CA ALA B 215 -18.78 -2.31 -7.06
C ALA B 215 -17.36 -2.41 -7.59
N LEU B 216 -16.86 -3.64 -7.88
CA LEU B 216 -15.49 -3.79 -8.40
C LEU B 216 -15.33 -3.00 -9.70
N GLY B 217 -16.33 -3.09 -10.58
CA GLY B 217 -16.28 -2.36 -11.84
C GLY B 217 -16.25 -0.85 -11.62
N LEU B 218 -17.07 -0.37 -10.63
CA LEU B 218 -17.09 1.09 -10.37
C LEU B 218 -15.74 1.56 -9.81
N VAL B 219 -15.12 0.76 -8.92
CA VAL B 219 -13.82 1.16 -8.37
C VAL B 219 -12.76 1.23 -9.50
N LYS B 220 -12.77 0.23 -10.41
CA LYS B 220 -11.77 0.26 -11.50
C LYS B 220 -12.02 1.46 -12.43
N GLU B 221 -13.30 1.84 -12.65
CA GLU B 221 -13.61 3.02 -13.49
CA GLU B 221 -13.60 3.02 -13.50
C GLU B 221 -13.05 4.28 -12.81
N LEU B 222 -13.23 4.39 -11.48
CA LEU B 222 -12.71 5.56 -10.73
C LEU B 222 -11.16 5.62 -10.88
N LEU B 223 -10.49 4.47 -10.69
CA LEU B 223 -9.02 4.46 -10.77
C LEU B 223 -8.54 4.85 -12.18
N SER B 224 -9.25 4.34 -13.22
CA SER B 224 -8.86 4.68 -14.59
CA SER B 224 -8.87 4.67 -14.59
C SER B 224 -9.02 6.17 -14.83
N ASN B 225 -10.10 6.78 -14.29
CA ASN B 225 -10.34 8.22 -14.48
C ASN B 225 -9.30 9.05 -13.74
N VAL B 226 -8.95 8.65 -12.50
CA VAL B 226 -7.94 9.39 -11.74
C VAL B 226 -6.58 9.28 -12.47
N ASP B 227 -6.20 8.04 -12.88
CA ASP B 227 -4.92 7.83 -13.55
C ASP B 227 -4.81 8.71 -14.82
N GLU B 228 -5.89 8.81 -15.60
CA GLU B 228 -5.87 9.64 -16.81
C GLU B 228 -5.85 11.14 -16.52
N GLY B 229 -6.27 11.54 -15.32
CA GLY B 229 -6.33 12.95 -14.96
C GLY B 229 -5.12 13.49 -14.22
N ILE B 230 -4.03 12.69 -14.12
CA ILE B 230 -2.85 13.13 -13.40
C ILE B 230 -1.77 13.70 -14.33
N TYR B 231 -1.17 14.83 -13.92
CA TYR B 231 -0.01 15.43 -14.58
C TYR B 231 0.76 16.11 -13.45
N GLN B 232 2.02 15.69 -13.15
CA GLN B 232 2.71 16.29 -12.02
C GLN B 232 3.01 17.76 -12.16
N LEU B 233 2.58 18.52 -11.17
CA LEU B 233 2.88 19.95 -11.10
C LEU B 233 4.33 20.09 -10.62
N GLU B 234 5.01 21.10 -11.16
CA GLU B 234 6.40 21.33 -10.75
C GLU B 234 6.60 22.80 -10.51
N LYS B 235 7.13 23.14 -9.33
CA LYS B 235 7.41 24.53 -8.98
C LYS B 235 8.49 25.04 -9.93
N GLY B 236 8.23 26.18 -10.57
CA GLY B 236 9.20 26.75 -11.49
C GLY B 236 9.15 26.23 -12.92
N ALA B 237 8.31 25.20 -13.22
CA ALA B 237 8.23 24.70 -14.60
C ALA B 237 7.56 25.79 -15.45
N ARG B 238 8.14 26.07 -16.60
CA ARG B 238 7.66 27.14 -17.45
C ARG B 238 6.54 26.65 -18.33
N LEU B 239 5.73 27.58 -18.83
CA LEU B 239 4.62 27.25 -19.72
CA LEU B 239 4.62 27.23 -19.72
C LEU B 239 5.11 26.44 -20.93
N GLN B 240 6.28 26.81 -21.51
CA GLN B 240 6.82 26.09 -22.67
C GLN B 240 7.02 24.60 -22.36
N GLU B 241 7.52 24.26 -21.15
CA GLU B 241 7.71 22.86 -20.71
C GLU B 241 6.36 22.15 -20.63
N ILE B 242 5.31 22.87 -20.21
CA ILE B 242 3.97 22.32 -20.11
C ILE B 242 3.32 22.11 -21.48
N TYR B 243 3.22 23.16 -22.34
CA TYR B 243 2.54 22.97 -23.63
C TYR B 243 3.33 22.08 -24.59
N ASN B 244 4.62 21.78 -24.30
CA ASN B 244 5.40 20.84 -25.11
C ASN B 244 5.38 19.44 -24.49
N ARG B 245 4.38 19.11 -23.64
CA ARG B 245 4.27 17.80 -23.00
C ARG B 245 4.11 16.73 -24.08
C10 YXK C . 12.28 10.76 -11.62
F01 YXK C . 15.07 12.26 -11.20
C02 YXK C . 15.51 11.41 -12.18
F03 YXK C . 15.51 12.06 -13.38
F04 YXK C . 16.78 11.02 -11.89
C05 YXK C . 14.58 10.20 -12.26
N06 YXK C . 13.20 10.54 -12.53
C07 YXK C . 12.64 10.63 -13.73
C08 YXK C . 11.30 10.93 -13.51
N09 YXK C . 11.12 11.02 -12.21
C11 YXK C . 12.51 10.73 -10.12
C12 YXK C . 11.62 9.68 -9.45
N13 YXK C . 10.99 8.89 -8.98
S DMS D . 21.51 -18.00 -6.56
O DMS D . 22.12 -18.26 -7.94
C1 DMS D . 22.80 -18.27 -5.34
C2 DMS D . 20.55 -19.47 -6.15
C FMT E . 27.14 -15.27 -13.24
O1 FMT E . 27.79 -15.05 -12.20
O2 FMT E . 25.98 -15.94 -13.27
C FMT F . -4.28 -14.18 -0.47
O1 FMT F . -5.12 -13.69 -1.24
O2 FMT F . -3.56 -13.46 0.46
C FMT G . 7.45 -1.23 12.02
O1 FMT G . 7.14 -0.43 11.15
O2 FMT G . 6.73 -1.37 13.20
S DMS H . -28.53 -9.26 15.42
O DMS H . -28.28 -7.99 14.61
C1 DMS H . -27.36 -10.52 14.82
C2 DMS H . -30.03 -10.08 14.76
S DMS I . -21.04 -15.95 1.37
O DMS I . -22.57 -16.00 1.88
C1 DMS I . -20.76 -17.22 0.25
C2 DMS I . -20.02 -16.72 2.66
S DMS J . 19.21 23.59 8.93
O DMS J . 18.02 22.73 9.28
C1 DMS J . 20.64 22.48 8.83
C2 DMS J . 19.76 24.42 10.44
C FMT K . -28.39 -11.93 3.40
O1 FMT K . -29.08 -10.96 3.15
O2 FMT K . -27.25 -12.24 2.74
C FMT L . -25.47 -6.38 6.76
O1 FMT L . -24.58 -5.92 6.08
O2 FMT L . -25.54 -7.66 7.13
C FMT M . -8.79 -7.62 -9.12
O1 FMT M . -9.54 -7.55 -10.10
O2 FMT M . -8.03 -6.61 -8.66
C FMT N . -9.61 19.00 -4.01
O1 FMT N . -9.87 19.08 -5.21
O2 FMT N . -10.42 18.37 -3.11
C FMT O . -24.10 2.49 -10.76
O1 FMT O . -23.89 1.35 -11.19
O2 FMT O . -24.63 2.77 -9.54
C FMT P . 1.83 25.14 -9.63
O1 FMT P . 2.41 24.70 -8.65
O2 FMT P . 1.91 24.57 -10.80
C FMT Q . -28.06 -16.01 5.22
O1 FMT Q . -27.75 -17.09 4.76
O2 FMT Q . -27.72 -15.57 6.45
#